data_9RPY
#
_entry.id   9RPY
#
_cell.length_a   68.029
_cell.length_b   89.747
_cell.length_c   44.920
_cell.angle_alpha   90.000
_cell.angle_beta   90.000
_cell.angle_gamma   90.000
#
_symmetry.space_group_name_H-M   'P 21 21 2'
#
loop_
_entity.id
_entity.type
_entity.pdbx_description
1 polymer 'FosA family fosfomycin resistance glutathione transferase'
2 non-polymer N-[3-(diethylamino)phenyl]ethanamide
3 non-polymer 1,2-ETHANEDIOL
4 non-polymer 'MANGANESE (II) ION'
5 non-polymer 'DIMETHYL SULFOXIDE'
6 water water
#
_entity_poly.entity_id   1
_entity_poly.type   'polypeptide(L)'
_entity_poly.pdbx_seq_one_letter_code
;MLSGLNHLTLAVSQLAPSVAFYQQLLGMTLHARWDSGAYLSCGDLWLCLSLDPQRRVTPPEESDYTHYAFSISEADFASF
AARLEAAGVAVWKLNRSEGASHYFLDPDGHKLELHVGSLAQRLAACREQPYKGMVFFEQHHHHHH
;
_entity_poly.pdbx_strand_id   A,B
#
loop_
_chem_comp.id
_chem_comp.type
_chem_comp.name
_chem_comp.formula
DMS non-polymer 'DIMETHYL SULFOXIDE' 'C2 H6 O S'
EDO non-polymer 1,2-ETHANEDIOL 'C2 H6 O2'
MN non-polymer 'MANGANESE (II) ION' 'Mn 2'
UIS non-polymer N-[3-(diethylamino)phenyl]ethanamide 'C12 H18 N2 O'
#
# COMPACT_ATOMS: atom_id res chain seq x y z
N MET A 1 -8.11 17.46 -4.73
CA MET A 1 -8.32 16.02 -5.04
C MET A 1 -7.28 15.20 -4.29
N LEU A 2 -7.27 13.89 -4.56
CA LEU A 2 -6.25 13.03 -3.97
C LEU A 2 -4.97 13.17 -4.76
N SER A 3 -3.84 13.16 -4.06
N SER A 3 -3.84 13.22 -4.06
CA SER A 3 -2.56 13.47 -4.68
CA SER A 3 -2.55 13.26 -4.75
C SER A 3 -1.52 12.37 -4.62
C SER A 3 -1.56 12.42 -3.96
N GLY A 4 -1.81 11.24 -4.00
N GLY A 4 -1.40 11.18 -4.39
CA GLY A 4 -0.84 10.16 -3.92
CA GLY A 4 -0.39 10.31 -3.85
C GLY A 4 -1.07 9.37 -2.66
C GLY A 4 -0.86 9.54 -2.63
N LEU A 5 -0.08 8.54 -2.32
CA LEU A 5 -0.19 7.75 -1.10
C LEU A 5 0.47 8.56 0.01
N ASN A 6 -0.32 8.88 1.03
CA ASN A 6 0.20 9.58 2.19
C ASN A 6 1.05 8.65 3.07
N HIS A 7 0.55 7.44 3.33
CA HIS A 7 1.30 6.44 4.06
C HIS A 7 0.70 5.06 3.83
N LEU A 8 1.54 4.06 4.03
CA LEU A 8 1.18 2.66 4.05
C LEU A 8 1.33 2.17 5.48
N THR A 9 0.27 1.59 6.04
CA THR A 9 0.32 1.02 7.38
C THR A 9 0.12 -0.48 7.29
N LEU A 10 1.09 -1.22 7.82
CA LEU A 10 1.03 -2.67 7.89
C LEU A 10 0.80 -3.09 9.34
N ALA A 11 -0.24 -3.90 9.56
CA ALA A 11 -0.42 -4.53 10.86
C ALA A 11 0.61 -5.63 11.03
N VAL A 12 1.25 -5.67 12.20
CA VAL A 12 2.27 -6.67 12.47
C VAL A 12 1.95 -7.37 13.78
N SER A 13 2.34 -8.64 13.86
CA SER A 13 2.05 -9.43 15.06
C SER A 13 3.14 -9.29 16.11
N GLN A 14 4.38 -9.06 15.69
CA GLN A 14 5.52 -8.90 16.60
C GLN A 14 6.33 -7.71 16.10
N LEU A 15 6.38 -6.65 16.90
CA LEU A 15 6.91 -5.40 16.39
C LEU A 15 8.41 -5.48 16.11
N ALA A 16 9.19 -6.03 17.05
CA ALA A 16 10.64 -6.01 16.88
C ALA A 16 11.10 -6.77 15.63
N PRO A 17 10.64 -8.00 15.40
CA PRO A 17 11.06 -8.69 14.15
C PRO A 17 10.62 -7.95 12.90
N SER A 18 9.47 -7.29 12.93
N SER A 18 9.47 -7.28 12.93
CA SER A 18 9.06 -6.55 11.74
CA SER A 18 9.03 -6.54 11.77
C SER A 18 9.92 -5.31 11.53
C SER A 18 9.92 -5.32 11.53
N VAL A 19 10.22 -4.56 12.60
CA VAL A 19 11.14 -3.44 12.46
C VAL A 19 12.47 -3.93 11.90
N ALA A 20 12.97 -5.05 12.42
CA ALA A 20 14.25 -5.56 11.94
C ALA A 20 14.19 -5.92 10.47
N PHE A 21 13.08 -6.52 10.04
CA PHE A 21 12.95 -6.88 8.63
C PHE A 21 13.00 -5.66 7.72
N TYR A 22 12.21 -4.63 8.04
CA TYR A 22 12.14 -3.48 7.13
C TYR A 22 13.39 -2.60 7.23
N GLN A 23 13.95 -2.46 8.42
CA GLN A 23 15.13 -1.61 8.59
C GLN A 23 16.42 -2.37 8.25
N GLN A 24 16.67 -3.50 8.91
CA GLN A 24 17.96 -4.17 8.73
C GLN A 24 18.02 -4.90 7.39
N LEU A 25 16.99 -5.67 7.06
CA LEU A 25 17.08 -6.49 5.87
C LEU A 25 16.77 -5.70 4.61
N LEU A 26 15.71 -4.89 4.64
CA LEU A 26 15.33 -4.13 3.46
C LEU A 26 15.99 -2.76 3.37
N GLY A 27 16.62 -2.29 4.45
CA GLY A 27 17.38 -1.06 4.38
C GLY A 27 16.59 0.21 4.51
N MET A 28 15.33 0.14 4.91
CA MET A 28 14.56 1.34 5.11
C MET A 28 15.06 2.11 6.32
N THR A 29 14.70 3.40 6.37
CA THR A 29 15.17 4.29 7.42
C THR A 29 14.18 4.28 8.58
N LEU A 30 14.65 3.93 9.76
CA LEU A 30 13.83 3.95 10.97
C LEU A 30 13.89 5.34 11.60
N HIS A 31 12.73 5.98 11.75
CA HIS A 31 12.65 7.30 12.36
C HIS A 31 12.24 7.29 13.81
N ALA A 32 11.34 6.38 14.21
CA ALA A 32 10.85 6.33 15.57
C ALA A 32 10.21 4.97 15.79
N ARG A 33 10.25 4.52 17.03
CA ARG A 33 9.52 3.33 17.43
C ARG A 33 8.96 3.56 18.82
N TRP A 34 7.87 2.88 19.12
CA TRP A 34 7.24 2.98 20.43
C TRP A 34 6.65 1.62 20.75
N ASP A 35 5.95 1.54 21.88
CA ASP A 35 5.56 0.22 22.35
C ASP A 35 4.63 -0.48 21.38
N SER A 36 3.90 0.27 20.54
N SER A 36 3.90 0.25 20.52
CA SER A 36 2.88 -0.29 19.67
CA SER A 36 2.94 -0.40 19.64
C SER A 36 3.10 0.00 18.19
C SER A 36 3.07 0.07 18.19
N GLY A 37 4.24 0.54 17.79
CA GLY A 37 4.44 0.78 16.37
C GLY A 37 5.80 1.34 16.04
N ALA A 38 5.98 1.63 14.76
CA ALA A 38 7.21 2.25 14.28
C ALA A 38 6.91 3.03 13.02
N TYR A 39 7.69 4.09 12.81
CA TYR A 39 7.64 4.86 11.57
C TYR A 39 8.96 4.72 10.83
N LEU A 40 8.88 4.34 9.55
CA LEU A 40 10.03 4.22 8.68
C LEU A 40 9.77 5.00 7.41
N SER A 41 10.83 5.30 6.66
CA SER A 41 10.67 5.81 5.32
C SER A 41 11.49 4.99 4.34
N CYS A 42 11.02 4.99 3.10
CA CYS A 42 11.69 4.34 1.98
C CYS A 42 11.57 5.34 0.85
N GLY A 43 12.64 6.11 0.62
CA GLY A 43 12.49 7.27 -0.24
C GLY A 43 11.39 8.16 0.30
N ASP A 44 10.43 8.49 -0.56
N ASP A 44 10.44 8.48 -0.57
CA ASP A 44 9.31 9.33 -0.17
CA ASP A 44 9.31 9.33 -0.19
C ASP A 44 8.23 8.57 0.58
C ASP A 44 8.17 8.57 0.46
N LEU A 45 8.26 7.24 0.59
CA LEU A 45 7.22 6.47 1.26
C LEU A 45 7.33 6.56 2.78
N TRP A 46 6.21 6.90 3.41
CA TRP A 46 6.02 6.80 4.85
C TRP A 46 5.38 5.45 5.13
N LEU A 47 6.12 4.58 5.79
CA LEU A 47 5.67 3.26 6.22
C LEU A 47 5.43 3.28 7.72
N CYS A 48 4.26 2.84 8.13
N CYS A 48 4.24 2.85 8.15
CA CYS A 48 3.93 2.64 9.53
CA CYS A 48 3.96 2.66 9.57
C CYS A 48 3.80 1.14 9.78
C CYS A 48 3.76 1.18 9.83
N LEU A 49 4.48 0.64 10.80
CA LEU A 49 4.25 -0.70 11.32
C LEU A 49 3.43 -0.54 12.59
N SER A 50 2.28 -1.19 12.64
CA SER A 50 1.35 -1.03 13.76
C SER A 50 1.14 -2.39 14.42
N LEU A 51 1.53 -2.50 15.69
CA LEU A 51 1.33 -3.76 16.41
C LEU A 51 -0.16 -4.01 16.56
N ASP A 52 -0.61 -5.15 16.07
CA ASP A 52 -2.04 -5.44 16.05
C ASP A 52 -2.24 -6.87 16.52
N PRO A 53 -2.87 -7.09 17.68
CA PRO A 53 -3.15 -8.48 18.11
C PRO A 53 -4.02 -9.26 17.14
N GLN A 54 -4.70 -8.59 16.21
N GLN A 54 -4.69 -8.59 16.20
CA GLN A 54 -5.51 -9.29 15.22
CA GLN A 54 -5.52 -9.28 15.22
C GLN A 54 -4.67 -9.81 14.04
C GLN A 54 -4.74 -9.66 13.95
N ARG A 55 -3.47 -9.29 13.84
CA ARG A 55 -2.66 -9.76 12.71
C ARG A 55 -2.27 -11.22 12.85
N ARG A 56 -2.55 -12.00 11.81
CA ARG A 56 -2.13 -13.39 11.75
C ARG A 56 -1.00 -13.56 10.76
N VAL A 57 -0.08 -14.47 11.09
CA VAL A 57 0.95 -14.88 10.15
C VAL A 57 0.26 -15.71 9.09
N THR A 58 0.23 -15.22 7.86
CA THR A 58 -0.67 -15.75 6.86
C THR A 58 0.09 -16.37 5.70
N PRO A 59 -0.09 -17.67 5.44
CA PRO A 59 0.58 -18.27 4.29
C PRO A 59 0.06 -17.66 3.00
N PRO A 60 0.89 -17.61 1.96
CA PRO A 60 0.50 -16.88 0.75
C PRO A 60 -0.65 -17.52 0.00
N GLU A 61 -0.87 -18.83 0.18
CA GLU A 61 -2.00 -19.47 -0.46
C GLU A 61 -3.33 -19.10 0.21
N GLU A 62 -3.28 -18.50 1.41
CA GLU A 62 -4.45 -18.11 2.18
C GLU A 62 -4.77 -16.62 2.06
N SER A 63 -3.96 -15.85 1.35
CA SER A 63 -4.26 -14.44 1.15
C SER A 63 -4.46 -14.19 -0.33
N ASP A 64 -5.18 -13.10 -0.63
CA ASP A 64 -5.39 -12.69 -2.00
C ASP A 64 -4.14 -11.98 -2.55
N TYR A 65 -4.26 -11.47 -3.78
CA TYR A 65 -3.11 -10.94 -4.51
C TYR A 65 -2.72 -9.53 -4.09
N THR A 66 -3.38 -8.94 -3.10
CA THR A 66 -3.00 -7.60 -2.64
C THR A 66 -1.52 -7.61 -2.26
N HIS A 67 -0.76 -6.64 -2.78
CA HIS A 67 0.68 -6.64 -2.51
C HIS A 67 1.27 -5.25 -2.68
N TYR A 68 2.50 -5.09 -2.18
CA TYR A 68 3.18 -3.81 -2.07
C TYR A 68 4.54 -3.96 -2.72
N ALA A 69 4.79 -3.17 -3.77
CA ALA A 69 6.03 -3.25 -4.51
C ALA A 69 6.89 -2.04 -4.22
N PHE A 70 8.18 -2.29 -4.06
CA PHE A 70 9.18 -1.26 -3.79
C PHE A 70 10.09 -1.12 -5.00
N SER A 71 10.44 0.12 -5.31
CA SER A 71 11.28 0.41 -6.46
C SER A 71 12.74 0.12 -6.17
N ILE A 72 13.41 -0.44 -7.16
CA ILE A 72 14.85 -0.68 -7.10
C ILE A 72 15.40 -0.52 -8.51
N SER A 73 16.66 -0.12 -8.59
CA SER A 73 17.24 0.12 -9.90
C SER A 73 17.59 -1.19 -10.60
N GLU A 74 17.73 -1.10 -11.91
CA GLU A 74 18.16 -2.26 -12.68
C GLU A 74 19.51 -2.78 -12.20
N ALA A 75 20.40 -1.87 -11.79
CA ALA A 75 21.73 -2.28 -11.37
C ALA A 75 21.72 -3.02 -10.03
N ASP A 76 20.77 -2.71 -9.15
CA ASP A 76 20.74 -3.30 -7.81
C ASP A 76 19.81 -4.50 -7.69
N PHE A 77 18.91 -4.69 -8.64
CA PHE A 77 17.79 -5.63 -8.48
C PHE A 77 18.27 -7.04 -8.17
N ALA A 78 19.14 -7.60 -9.02
CA ALA A 78 19.44 -9.02 -8.91
C ALA A 78 20.18 -9.33 -7.63
N SER A 79 21.13 -8.48 -7.23
N SER A 79 21.15 -8.49 -7.27
CA SER A 79 21.90 -8.82 -6.04
CA SER A 79 21.91 -8.73 -6.05
C SER A 79 21.07 -8.65 -4.77
C SER A 79 21.01 -8.69 -4.83
N PHE A 80 20.10 -7.71 -4.78
CA PHE A 80 19.21 -7.56 -3.63
C PHE A 80 18.28 -8.78 -3.53
N ALA A 81 17.70 -9.19 -4.66
CA ALA A 81 16.87 -10.39 -4.65
C ALA A 81 17.66 -11.61 -4.17
N ALA A 82 18.90 -11.76 -4.66
CA ALA A 82 19.67 -12.94 -4.28
C ALA A 82 20.02 -12.90 -2.80
N ARG A 83 20.25 -11.71 -2.26
CA ARG A 83 20.52 -11.59 -0.84
C ARG A 83 19.31 -11.97 -0.01
N LEU A 84 18.11 -11.54 -0.41
CA LEU A 84 16.91 -11.98 0.28
C LEU A 84 16.78 -13.50 0.23
N GLU A 85 17.03 -14.10 -0.95
CA GLU A 85 16.96 -15.54 -1.09
C GLU A 85 17.95 -16.22 -0.14
N ALA A 86 19.19 -15.73 -0.12
CA ALA A 86 20.20 -16.37 0.72
C ALA A 86 19.85 -16.22 2.21
N ALA A 87 19.15 -15.16 2.56
CA ALA A 87 18.72 -14.94 3.94
C ALA A 87 17.51 -15.79 4.33
N GLY A 88 16.97 -16.58 3.41
CA GLY A 88 15.87 -17.46 3.73
C GLY A 88 14.50 -16.82 3.67
N VAL A 89 14.38 -15.65 3.03
CA VAL A 89 13.10 -14.96 2.95
C VAL A 89 12.16 -15.76 2.06
N ALA A 90 10.96 -16.05 2.57
CA ALA A 90 9.98 -16.84 1.85
C ALA A 90 9.43 -16.08 0.65
N VAL A 91 8.95 -16.83 -0.33
N VAL A 91 8.98 -16.84 -0.36
CA VAL A 91 8.46 -16.25 -1.55
CA VAL A 91 8.57 -16.30 -1.65
C VAL A 91 6.99 -16.57 -1.72
C VAL A 91 7.16 -16.77 -1.98
N TRP A 92 6.44 -15.98 -2.76
CA TRP A 92 5.04 -16.23 -3.03
C TRP A 92 4.74 -16.23 -4.52
N LYS A 93 5.70 -15.86 -5.37
CA LYS A 93 5.42 -15.90 -6.79
C LYS A 93 6.71 -15.95 -7.58
N LEU A 94 6.69 -16.68 -8.68
CA LEU A 94 7.89 -16.85 -9.51
C LEU A 94 7.72 -16.30 -10.92
N ASN A 95 6.53 -16.43 -11.50
CA ASN A 95 6.31 -16.01 -12.88
C ASN A 95 6.27 -14.50 -12.97
N ARG A 96 7.11 -13.93 -13.83
CA ARG A 96 7.20 -12.48 -14.00
C ARG A 96 6.14 -12.04 -15.00
N SER A 97 4.94 -11.80 -14.48
CA SER A 97 3.81 -11.40 -15.30
C SER A 97 3.68 -9.90 -15.44
N GLU A 98 4.54 -9.12 -14.78
CA GLU A 98 4.46 -7.66 -14.83
C GLU A 98 5.87 -7.08 -14.87
N GLY A 99 6.78 -7.73 -15.61
CA GLY A 99 8.13 -7.23 -15.77
C GLY A 99 9.12 -7.79 -14.77
N ALA A 100 10.18 -7.04 -14.50
CA ALA A 100 11.27 -7.52 -13.66
C ALA A 100 10.89 -7.33 -12.20
N SER A 101 10.52 -8.43 -11.55
CA SER A 101 9.99 -8.40 -10.21
C SER A 101 10.49 -9.61 -9.42
N HIS A 102 10.68 -9.40 -8.12
CA HIS A 102 10.97 -10.48 -7.18
C HIS A 102 9.90 -10.42 -6.09
N TYR A 103 9.22 -11.54 -5.86
CA TYR A 103 8.08 -11.61 -4.96
C TYR A 103 8.47 -12.31 -3.67
N PHE A 104 8.30 -11.61 -2.53
CA PHE A 104 8.75 -12.15 -1.26
C PHE A 104 7.79 -11.73 -0.16
N LEU A 105 7.86 -12.44 0.97
CA LEU A 105 6.94 -12.27 2.09
C LEU A 105 7.65 -11.64 3.28
N ASP A 106 6.94 -10.79 4.00
CA ASP A 106 7.41 -10.28 5.30
C ASP A 106 7.09 -11.30 6.38
N PRO A 107 7.52 -11.04 7.62
CA PRO A 107 7.35 -12.06 8.67
C PRO A 107 5.92 -12.45 8.95
N ASP A 108 4.96 -11.58 8.67
CA ASP A 108 3.55 -11.88 8.85
C ASP A 108 2.87 -12.35 7.57
N GLY A 109 3.62 -12.52 6.49
CA GLY A 109 3.04 -12.91 5.23
C GLY A 109 2.51 -11.76 4.40
N HIS A 110 2.78 -10.50 4.76
CA HIS A 110 2.46 -9.44 3.82
C HIS A 110 3.21 -9.70 2.53
N LYS A 111 2.50 -9.55 1.42
CA LYS A 111 3.06 -9.84 0.09
C LYS A 111 3.78 -8.61 -0.42
N LEU A 112 5.11 -8.75 -0.57
CA LEU A 112 5.98 -7.69 -1.01
C LEU A 112 6.59 -8.04 -2.37
N GLU A 113 7.18 -7.03 -2.99
CA GLU A 113 7.78 -7.16 -4.31
C GLU A 113 8.88 -6.14 -4.47
N LEU A 114 9.97 -6.56 -5.12
CA LEU A 114 10.95 -5.65 -5.71
C LEU A 114 10.60 -5.52 -7.19
N HIS A 115 10.51 -4.29 -7.69
CA HIS A 115 10.19 -4.09 -9.10
C HIS A 115 11.09 -3.02 -9.71
N VAL A 116 11.56 -3.31 -10.93
CA VAL A 116 12.31 -2.34 -11.73
C VAL A 116 11.37 -1.76 -12.76
N GLY A 117 11.14 -0.45 -12.69
CA GLY A 117 10.43 0.24 -13.76
C GLY A 117 9.22 1.01 -13.29
N SER A 118 8.86 2.04 -14.05
CA SER A 118 7.73 2.91 -13.74
C SER A 118 6.46 2.42 -14.42
N LEU A 119 5.35 3.09 -14.08
CA LEU A 119 4.09 2.81 -14.76
C LEU A 119 4.20 3.10 -16.25
N ALA A 120 4.83 4.23 -16.62
CA ALA A 120 5.01 4.53 -18.03
C ALA A 120 5.75 3.42 -18.74
N GLN A 121 6.82 2.90 -18.12
CA GLN A 121 7.56 1.82 -18.76
C GLN A 121 6.73 0.55 -18.85
N ARG A 122 5.90 0.28 -17.84
N ARG A 122 5.95 0.27 -17.81
CA ARG A 122 5.07 -0.91 -17.91
CA ARG A 122 5.02 -0.86 -17.84
C ARG A 122 3.99 -0.78 -18.98
C ARG A 122 4.07 -0.75 -19.02
N LEU A 123 3.42 0.41 -19.14
CA LEU A 123 2.44 0.61 -20.21
C LEU A 123 3.09 0.42 -21.58
N ALA A 124 4.30 0.94 -21.75
CA ALA A 124 5.00 0.77 -23.01
C ALA A 124 5.28 -0.70 -23.29
N ALA A 125 5.70 -1.44 -22.27
CA ALA A 125 5.96 -2.86 -22.46
C ALA A 125 4.67 -3.60 -22.79
N CYS A 126 3.56 -3.19 -22.15
CA CYS A 126 2.28 -3.85 -22.37
C CYS A 126 1.73 -3.58 -23.76
N ARG A 127 2.10 -2.46 -24.38
CA ARG A 127 1.66 -2.23 -25.74
C ARG A 127 2.19 -3.31 -26.68
N GLU A 128 3.41 -3.79 -26.43
CA GLU A 128 4.02 -4.83 -27.24
C GLU A 128 3.56 -6.23 -26.82
N GLN A 129 3.40 -6.43 -25.51
CA GLN A 129 3.01 -7.72 -24.94
C GLN A 129 1.86 -7.44 -23.98
N PRO A 130 0.68 -7.17 -24.53
CA PRO A 130 -0.44 -6.74 -23.70
C PRO A 130 -1.05 -7.90 -22.93
N TYR A 131 -1.64 -7.56 -21.79
N TYR A 131 -1.64 -7.55 -21.80
CA TYR A 131 -2.48 -8.52 -21.08
CA TYR A 131 -2.52 -8.49 -21.13
C TYR A 131 -3.77 -8.73 -21.87
C TYR A 131 -3.68 -8.83 -22.05
N LYS A 132 -4.37 -9.92 -21.73
CA LYS A 132 -5.55 -10.26 -22.52
C LYS A 132 -6.64 -9.22 -22.41
N GLY A 133 -7.08 -8.72 -23.56
CA GLY A 133 -8.16 -7.75 -23.60
C GLY A 133 -7.75 -6.34 -23.24
N MET A 134 -6.46 -6.03 -23.24
CA MET A 134 -6.00 -4.74 -22.75
C MET A 134 -6.41 -3.59 -23.66
N VAL A 135 -6.86 -2.51 -23.03
N VAL A 135 -6.86 -2.51 -23.03
CA VAL A 135 -7.19 -1.25 -23.68
CA VAL A 135 -7.17 -1.26 -23.70
C VAL A 135 -6.41 -0.15 -22.96
C VAL A 135 -6.41 -0.16 -22.96
N PHE A 136 -5.93 0.82 -23.72
CA PHE A 136 -5.15 1.93 -23.21
C PHE A 136 -5.95 3.20 -23.38
N PHE A 137 -5.91 4.06 -22.37
CA PHE A 137 -6.66 5.31 -22.40
C PHE A 137 -5.72 6.50 -22.55
N MET B 1 19.35 -1.02 -3.19
CA MET B 1 18.71 0.00 -2.31
C MET B 1 17.30 0.31 -2.81
N LEU B 2 16.34 0.30 -1.89
CA LEU B 2 14.97 0.59 -2.27
C LEU B 2 14.76 2.11 -2.27
N SER B 3 14.07 2.61 -3.28
CA SER B 3 13.96 4.04 -3.48
C SER B 3 12.56 4.60 -3.27
N GLY B 4 11.58 3.78 -2.98
CA GLY B 4 10.23 4.24 -2.76
C GLY B 4 9.23 3.12 -2.99
N LEU B 5 7.96 3.48 -2.90
CA LEU B 5 6.89 2.58 -3.28
C LEU B 5 6.75 2.60 -4.80
N ASN B 6 6.89 1.43 -5.42
CA ASN B 6 6.73 1.32 -6.86
C ASN B 6 5.25 1.26 -7.25
N HIS B 7 4.49 0.36 -6.62
CA HIS B 7 3.07 0.31 -6.86
C HIS B 7 2.36 -0.38 -5.71
N LEU B 8 1.07 -0.08 -5.59
CA LEU B 8 0.15 -0.72 -4.67
C LEU B 8 -0.82 -1.53 -5.51
N THR B 9 -0.96 -2.82 -5.23
CA THR B 9 -1.92 -3.67 -5.92
C THR B 9 -2.98 -4.13 -4.95
N LEU B 10 -4.24 -3.86 -5.30
CA LEU B 10 -5.37 -4.31 -4.51
C LEU B 10 -6.08 -5.43 -5.27
N ALA B 11 -6.26 -6.57 -4.61
CA ALA B 11 -7.12 -7.62 -5.15
C ALA B 11 -8.58 -7.20 -5.03
N VAL B 12 -9.34 -7.38 -6.10
CA VAL B 12 -10.74 -6.96 -6.14
C VAL B 12 -11.59 -8.13 -6.59
N SER B 13 -12.82 -8.19 -6.08
CA SER B 13 -13.72 -9.28 -6.43
C SER B 13 -14.49 -9.02 -7.72
N GLN B 14 -14.73 -7.75 -8.06
CA GLN B 14 -15.45 -7.38 -9.28
C GLN B 14 -14.78 -6.15 -9.85
N LEU B 15 -14.30 -6.24 -11.08
CA LEU B 15 -13.47 -5.16 -11.61
C LEU B 15 -14.27 -3.88 -11.85
N ALA B 16 -15.48 -3.99 -12.42
CA ALA B 16 -16.21 -2.78 -12.77
C ALA B 16 -16.52 -1.90 -11.57
N PRO B 17 -17.07 -2.42 -10.46
CA PRO B 17 -17.33 -1.51 -9.34
C PRO B 17 -16.07 -0.95 -8.73
N SER B 18 -14.96 -1.70 -8.78
CA SER B 18 -13.72 -1.17 -8.25
C SER B 18 -13.17 -0.05 -9.13
N VAL B 19 -13.25 -0.21 -10.46
CA VAL B 19 -12.86 0.88 -11.34
C VAL B 19 -13.74 2.10 -11.11
N ALA B 20 -15.05 1.89 -10.95
CA ALA B 20 -15.94 3.02 -10.71
C ALA B 20 -15.55 3.75 -9.43
N PHE B 21 -15.20 2.99 -8.38
CA PHE B 21 -14.85 3.59 -7.10
C PHE B 21 -13.57 4.40 -7.20
N TYR B 22 -12.50 3.81 -7.72
CA TYR B 22 -11.21 4.51 -7.73
C TYR B 22 -11.15 5.61 -8.79
N GLN B 23 -11.71 5.36 -9.99
CA GLN B 23 -11.67 6.37 -11.04
C GLN B 23 -12.75 7.44 -10.83
N GLN B 24 -14.01 7.04 -10.76
CA GLN B 24 -15.09 8.02 -10.79
C GLN B 24 -15.30 8.66 -9.42
N LEU B 25 -15.44 7.85 -8.36
CA LEU B 25 -15.69 8.43 -7.06
C LEU B 25 -14.44 9.10 -6.51
N LEU B 26 -13.30 8.41 -6.53
N LEU B 26 -13.30 8.41 -6.54
CA LEU B 26 -12.10 8.98 -5.92
CA LEU B 26 -12.09 8.95 -5.92
C LEU B 26 -11.35 9.92 -6.85
C LEU B 26 -11.25 9.80 -6.88
N GLY B 27 -11.61 9.86 -8.15
CA GLY B 27 -10.96 10.77 -9.08
C GLY B 27 -9.60 10.37 -9.60
N MET B 28 -9.21 9.11 -9.46
CA MET B 28 -7.92 8.67 -9.97
C MET B 28 -7.97 8.53 -11.49
N THR B 29 -6.80 8.60 -12.12
CA THR B 29 -6.70 8.52 -13.57
C THR B 29 -6.56 7.06 -13.99
N LEU B 30 -7.44 6.62 -14.89
CA LEU B 30 -7.41 5.27 -15.43
C LEU B 30 -6.53 5.26 -16.68
N HIS B 31 -5.44 4.51 -16.63
CA HIS B 31 -4.51 4.44 -17.76
C HIS B 31 -4.74 3.24 -18.66
N ALA B 32 -5.16 2.12 -18.10
CA ALA B 32 -5.37 0.91 -18.90
C ALA B 32 -6.24 -0.04 -18.12
N ARG B 33 -6.93 -0.91 -18.85
N ARG B 33 -6.92 -0.91 -18.86
CA ARG B 33 -7.72 -1.97 -18.24
CA ARG B 33 -7.74 -1.95 -18.27
C ARG B 33 -7.69 -3.18 -19.16
C ARG B 33 -7.66 -3.18 -19.16
N TRP B 34 -7.72 -4.36 -18.54
CA TRP B 34 -7.69 -5.62 -19.28
C TRP B 34 -8.71 -6.53 -18.62
N ASP B 35 -8.85 -7.76 -19.13
CA ASP B 35 -9.93 -8.60 -18.65
C ASP B 35 -9.83 -8.88 -17.16
N SER B 36 -8.62 -8.80 -16.59
CA SER B 36 -8.46 -9.15 -15.18
C SER B 36 -7.79 -8.06 -14.35
N GLY B 37 -7.81 -6.80 -14.79
CA GLY B 37 -7.27 -5.76 -13.93
C GLY B 37 -7.29 -4.40 -14.58
N ALA B 38 -6.72 -3.43 -13.86
CA ALA B 38 -6.62 -2.07 -14.33
C ALA B 38 -5.42 -1.38 -13.70
N TYR B 39 -4.88 -0.39 -14.40
CA TYR B 39 -3.83 0.48 -13.88
C TYR B 39 -4.38 1.89 -13.78
N LEU B 40 -4.21 2.50 -12.60
CA LEU B 40 -4.61 3.87 -12.33
C LEU B 40 -3.42 4.60 -11.71
N SER B 41 -3.48 5.92 -11.75
CA SER B 41 -2.54 6.72 -11.00
C SER B 41 -3.27 7.75 -10.15
N CYS B 42 -2.62 8.12 -9.06
CA CYS B 42 -3.10 9.13 -8.14
C CYS B 42 -1.85 9.89 -7.73
N GLY B 43 -1.62 11.05 -8.33
CA GLY B 43 -0.32 11.68 -8.17
C GLY B 43 0.79 10.71 -8.57
N ASP B 44 1.77 10.55 -7.70
N ASP B 44 1.79 10.56 -7.69
CA ASP B 44 2.89 9.64 -7.96
CA ASP B 44 2.89 9.63 -7.95
C ASP B 44 2.60 8.21 -7.51
C ASP B 44 2.50 8.16 -7.78
N LEU B 45 1.37 7.89 -7.11
CA LEU B 45 1.00 6.51 -6.85
C LEU B 45 0.55 5.77 -8.10
N TRP B 46 1.17 4.63 -8.35
CA TRP B 46 0.71 3.67 -9.34
C TRP B 46 -0.12 2.64 -8.60
N LEU B 47 -1.41 2.60 -8.91
CA LEU B 47 -2.34 1.65 -8.32
C LEU B 47 -2.72 0.61 -9.36
N CYS B 48 -2.67 -0.65 -8.96
N CYS B 48 -2.66 -0.66 -8.96
CA CYS B 48 -3.16 -1.74 -9.80
CA CYS B 48 -3.14 -1.76 -9.76
C CYS B 48 -4.33 -2.40 -9.10
C CYS B 48 -4.37 -2.36 -9.07
N LEU B 49 -5.44 -2.56 -9.83
CA LEU B 49 -6.56 -3.36 -9.38
C LEU B 49 -6.44 -4.70 -10.10
N SER B 50 -6.41 -5.79 -9.32
CA SER B 50 -6.22 -7.12 -9.87
C SER B 50 -7.43 -7.96 -9.54
N LEU B 51 -8.17 -8.38 -10.57
CA LEU B 51 -9.34 -9.22 -10.36
C LEU B 51 -8.90 -10.56 -9.80
N ASP B 52 -9.43 -10.92 -8.65
CA ASP B 52 -8.97 -12.11 -7.94
C ASP B 52 -10.13 -12.83 -7.31
N PRO B 53 -10.48 -14.04 -7.79
N PRO B 53 -10.46 -14.04 -7.80
CA PRO B 53 -11.62 -14.74 -7.18
CA PRO B 53 -11.50 -14.85 -7.15
C PRO B 53 -11.42 -15.07 -5.71
C PRO B 53 -11.20 -15.20 -5.69
N GLN B 54 -10.18 -15.06 -5.23
N GLN B 54 -9.96 -15.00 -5.23
CA GLN B 54 -9.91 -15.28 -3.82
CA GLN B 54 -9.66 -15.19 -3.82
C GLN B 54 -10.16 -14.06 -2.95
C GLN B 54 -10.25 -14.09 -2.96
N ARG B 55 -10.49 -12.91 -3.54
CA ARG B 55 -10.80 -11.75 -2.72
C ARG B 55 -12.19 -11.90 -2.12
N ARG B 56 -12.27 -11.79 -0.79
N ARG B 56 -12.27 -11.82 -0.79
CA ARG B 56 -13.53 -11.81 -0.07
CA ARG B 56 -13.53 -11.81 -0.07
C ARG B 56 -13.93 -10.38 0.27
C ARG B 56 -13.93 -10.37 0.24
N VAL B 57 -15.23 -10.09 0.14
CA VAL B 57 -15.76 -8.81 0.59
C VAL B 57 -15.73 -8.89 2.12
N THR B 58 -14.83 -8.13 2.75
CA THR B 58 -14.43 -8.42 4.10
C THR B 58 -14.91 -7.34 5.06
N PRO B 59 -15.77 -7.67 6.03
CA PRO B 59 -16.19 -6.66 7.00
C PRO B 59 -14.99 -6.13 7.76
N PRO B 60 -15.03 -4.87 8.19
CA PRO B 60 -13.84 -4.28 8.84
C PRO B 60 -13.51 -4.93 10.16
N GLU B 61 -14.50 -5.50 10.86
CA GLU B 61 -14.21 -6.21 12.09
C GLU B 61 -13.40 -7.48 11.86
N GLU B 62 -13.35 -7.96 10.60
CA GLU B 62 -12.70 -9.22 10.28
C GLU B 62 -11.36 -9.06 9.58
N SER B 63 -10.89 -7.84 9.42
CA SER B 63 -9.56 -7.60 8.89
C SER B 63 -8.75 -6.85 9.92
N ASP B 64 -7.43 -6.97 9.79
CA ASP B 64 -6.53 -6.26 10.67
C ASP B 64 -6.41 -4.79 10.24
N TYR B 65 -5.53 -4.07 10.91
CA TYR B 65 -5.41 -2.63 10.80
C TYR B 65 -4.62 -2.18 9.57
N THR B 66 -4.12 -3.10 8.76
CA THR B 66 -3.43 -2.71 7.53
C THR B 66 -4.31 -1.78 6.71
N HIS B 67 -3.75 -0.65 6.27
CA HIS B 67 -4.57 0.33 5.56
C HIS B 67 -3.71 1.24 4.69
N TYR B 68 -4.39 1.93 3.77
CA TYR B 68 -3.75 2.72 2.71
C TYR B 68 -4.32 4.12 2.80
N ALA B 69 -3.46 5.10 3.09
CA ALA B 69 -3.89 6.49 3.25
C ALA B 69 -3.47 7.29 2.03
N PHE B 70 -4.41 8.08 1.51
CA PHE B 70 -4.17 8.98 0.38
C PHE B 70 -4.04 10.41 0.87
N SER B 71 -3.17 11.17 0.23
CA SER B 71 -2.99 12.57 0.61
C SER B 71 -4.04 13.46 0.00
N ILE B 72 -4.46 14.45 0.79
CA ILE B 72 -5.40 15.47 0.35
C ILE B 72 -5.05 16.73 1.13
N SER B 73 -5.32 17.88 0.54
CA SER B 73 -5.06 19.12 1.27
C SER B 73 -6.12 19.34 2.35
N GLU B 74 -5.75 20.12 3.37
CA GLU B 74 -6.71 20.48 4.40
C GLU B 74 -7.91 21.18 3.76
N ALA B 75 -7.67 22.06 2.80
CA ALA B 75 -8.76 22.82 2.20
C ALA B 75 -9.75 21.92 1.48
N ASP B 76 -9.30 20.79 0.91
CA ASP B 76 -10.18 19.92 0.15
C ASP B 76 -10.80 18.81 0.99
N PHE B 77 -10.31 18.59 2.22
CA PHE B 77 -10.66 17.41 3.00
C PHE B 77 -12.16 17.30 3.24
N ALA B 78 -12.79 18.36 3.76
CA ALA B 78 -14.17 18.24 4.20
C ALA B 78 -15.12 17.96 3.04
N SER B 79 -14.88 18.57 1.89
N SER B 79 -14.89 18.61 1.90
CA SER B 79 -15.80 18.33 0.77
CA SER B 79 -15.71 18.36 0.72
C SER B 79 -15.58 16.94 0.18
C SER B 79 -15.59 16.90 0.28
N PHE B 80 -14.36 16.39 0.24
CA PHE B 80 -14.14 15.04 -0.24
C PHE B 80 -14.78 14.03 0.70
N ALA B 81 -14.63 14.24 2.01
CA ALA B 81 -15.33 13.38 2.97
C ALA B 81 -16.84 13.44 2.75
N ALA B 82 -17.39 14.63 2.48
CA ALA B 82 -18.82 14.74 2.24
C ALA B 82 -19.25 14.01 0.98
N ARG B 83 -18.40 14.03 -0.05
CA ARG B 83 -18.66 13.26 -1.27
C ARG B 83 -18.75 11.77 -0.98
N LEU B 84 -17.79 11.25 -0.21
CA LEU B 84 -17.83 9.83 0.16
C LEU B 84 -19.09 9.54 0.97
N GLU B 85 -19.46 10.43 1.88
N GLU B 85 -19.45 10.43 1.89
CA GLU B 85 -20.66 10.21 2.69
CA GLU B 85 -20.66 10.21 2.69
C GLU B 85 -21.92 10.22 1.83
C GLU B 85 -21.89 10.20 1.81
N ALA B 86 -21.99 11.13 0.86
CA ALA B 86 -23.16 11.17 -0.02
C ALA B 86 -23.28 9.87 -0.80
N ALA B 87 -22.14 9.31 -1.21
CA ALA B 87 -22.10 8.05 -1.95
C ALA B 87 -22.35 6.83 -1.07
N GLY B 88 -22.52 7.02 0.23
CA GLY B 88 -22.81 5.91 1.12
C GLY B 88 -21.63 5.06 1.48
N VAL B 89 -20.41 5.60 1.35
CA VAL B 89 -19.21 4.84 1.64
C VAL B 89 -19.06 4.70 3.15
N ALA B 90 -18.86 3.47 3.60
CA ALA B 90 -18.80 3.20 5.03
C ALA B 90 -17.48 3.66 5.65
N VAL B 91 -17.59 4.13 6.89
CA VAL B 91 -16.45 4.53 7.73
C VAL B 91 -16.12 3.41 8.69
N TRP B 92 -14.83 3.13 8.87
CA TRP B 92 -14.40 2.04 9.73
C TRP B 92 -13.72 2.49 11.03
N LYS B 93 -13.53 3.78 11.24
CA LYS B 93 -12.82 4.31 12.41
C LYS B 93 -13.06 5.81 12.47
N LEU B 94 -13.13 6.36 13.69
CA LEU B 94 -13.11 7.81 13.88
C LEU B 94 -11.67 8.30 14.09
N ASN B 95 -11.40 9.53 13.67
CA ASN B 95 -10.08 10.11 13.88
C ASN B 95 -9.86 10.54 15.33
N ARG B 96 -8.72 10.11 15.92
CA ARG B 96 -8.29 10.49 17.25
C ARG B 96 -6.81 10.86 17.32
N SER B 97 -6.16 11.09 16.18
N SER B 97 -6.19 11.17 16.18
CA SER B 97 -4.74 11.40 16.09
CA SER B 97 -4.76 11.48 16.16
C SER B 97 -4.55 12.78 15.46
C SER B 97 -4.52 12.68 15.27
N GLU B 98 -3.30 13.22 15.34
CA GLU B 98 -3.02 14.50 14.72
C GLU B 98 -3.17 14.48 13.21
N GLY B 99 -3.67 15.59 12.68
CA GLY B 99 -3.94 15.70 11.27
C GLY B 99 -5.30 15.14 10.93
N ALA B 100 -6.01 15.83 10.06
CA ALA B 100 -7.31 15.34 9.63
C ALA B 100 -7.18 13.95 8.99
N SER B 101 -8.11 13.06 9.36
CA SER B 101 -8.16 11.73 8.76
C SER B 101 -9.62 11.30 8.64
N HIS B 102 -9.96 10.70 7.51
CA HIS B 102 -11.26 10.11 7.25
C HIS B 102 -11.01 8.65 6.86
N TYR B 103 -11.60 7.71 7.60
CA TYR B 103 -11.31 6.30 7.45
C TYR B 103 -12.48 5.61 6.77
N PHE B 104 -12.27 5.14 5.54
CA PHE B 104 -13.36 4.63 4.73
C PHE B 104 -13.00 3.33 4.05
N LEU B 105 -14.02 2.59 3.62
CA LEU B 105 -13.86 1.26 3.05
C LEU B 105 -14.11 1.26 1.55
N ASP B 106 -13.31 0.49 0.82
CA ASP B 106 -13.56 0.26 -0.62
C ASP B 106 -14.61 -0.84 -0.75
N PRO B 107 -15.04 -1.12 -1.99
CA PRO B 107 -16.14 -2.09 -2.18
C PRO B 107 -15.85 -3.48 -1.66
N ASP B 108 -14.58 -3.86 -1.55
CA ASP B 108 -14.20 -5.17 -1.04
C ASP B 108 -13.78 -5.13 0.41
N GLY B 109 -13.88 -3.98 1.06
CA GLY B 109 -13.48 -3.85 2.44
C GLY B 109 -12.02 -3.47 2.64
N HIS B 110 -11.29 -3.13 1.57
CA HIS B 110 -9.96 -2.60 1.80
C HIS B 110 -10.08 -1.33 2.64
N LYS B 111 -9.22 -1.23 3.64
CA LYS B 111 -9.25 -0.12 4.58
C LYS B 111 -8.44 1.04 4.01
N LEU B 112 -9.13 2.15 3.75
CA LEU B 112 -8.57 3.35 3.17
C LEU B 112 -8.68 4.51 4.16
N GLU B 113 -7.93 5.56 3.87
CA GLU B 113 -7.90 6.76 4.70
C GLU B 113 -7.58 7.95 3.81
N LEU B 114 -8.24 9.07 4.10
CA LEU B 114 -7.78 10.37 3.64
C LEU B 114 -7.00 10.99 4.79
N HIS B 115 -5.78 11.44 4.55
CA HIS B 115 -5.00 12.08 5.60
C HIS B 115 -4.37 13.37 5.11
N VAL B 116 -4.37 14.36 5.99
CA VAL B 116 -3.67 15.62 5.79
C VAL B 116 -2.47 15.62 6.73
N GLY B 117 -1.28 15.69 6.17
CA GLY B 117 -0.08 15.83 6.98
C GLY B 117 0.98 14.83 6.61
N SER B 118 2.24 15.24 6.76
CA SER B 118 3.38 14.44 6.36
C SER B 118 3.96 13.67 7.54
N LEU B 119 4.93 12.80 7.23
CA LEU B 119 5.70 12.14 8.27
C LEU B 119 6.44 13.17 9.13
N ALA B 120 7.03 14.19 8.50
CA ALA B 120 7.73 15.20 9.27
C ALA B 120 6.81 15.88 10.28
N GLN B 121 5.57 16.15 9.86
CA GLN B 121 4.61 16.78 10.76
C GLN B 121 4.26 15.85 11.91
N ARG B 122 4.07 14.56 11.61
CA ARG B 122 3.76 13.60 12.66
C ARG B 122 4.92 13.47 13.64
N LEU B 123 6.15 13.40 13.14
CA LEU B 123 7.30 13.28 14.02
C LEU B 123 7.44 14.50 14.91
N ALA B 124 7.18 15.70 14.36
CA ALA B 124 7.28 16.91 15.19
C ALA B 124 6.26 16.86 16.31
N ALA B 125 5.03 16.44 16.02
CA ALA B 125 4.02 16.34 17.07
C ALA B 125 4.41 15.29 18.10
N CYS B 126 4.98 14.18 17.64
CA CYS B 126 5.40 13.11 18.55
C CYS B 126 6.55 13.53 19.44
N ARG B 127 7.47 14.34 18.91
N ARG B 127 7.48 14.34 18.91
CA ARG B 127 8.58 14.80 19.75
CA ARG B 127 8.57 14.81 19.75
C ARG B 127 8.09 15.66 20.89
C ARG B 127 8.03 15.61 20.92
N GLU B 128 7.02 16.44 20.66
CA GLU B 128 6.43 17.25 21.72
C GLU B 128 5.60 16.42 22.69
N GLN B 129 4.98 15.34 22.21
CA GLN B 129 4.08 14.52 23.03
C GLN B 129 4.30 13.07 22.66
N PRO B 130 5.38 12.47 23.15
CA PRO B 130 5.74 11.14 22.66
C PRO B 130 4.77 10.06 23.12
N TYR B 131 4.52 9.11 22.22
CA TYR B 131 3.76 7.93 22.58
C TYR B 131 4.50 7.13 23.65
N LYS B 132 3.76 6.23 24.30
CA LYS B 132 4.35 5.39 25.34
C LYS B 132 5.48 4.54 24.77
N GLY B 133 6.65 4.67 25.38
CA GLY B 133 7.82 3.93 24.96
C GLY B 133 8.52 4.49 23.75
N MET B 134 8.24 5.72 23.36
CA MET B 134 8.75 6.23 22.10
C MET B 134 10.20 6.64 22.18
N VAL B 135 10.94 6.22 21.15
N VAL B 135 10.97 6.20 21.19
CA VAL B 135 12.36 6.49 20.94
CA VAL B 135 12.35 6.64 21.01
C VAL B 135 12.48 7.03 19.52
C VAL B 135 12.55 6.98 19.55
N PHE B 136 13.38 7.99 19.33
CA PHE B 136 13.64 8.58 18.00
C PHE B 136 15.05 8.20 17.56
N PHE B 137 15.25 8.16 16.25
CA PHE B 137 16.52 7.79 15.65
C PHE B 137 16.95 8.82 14.64
C10 UIS C . 18.47 -9.90 8.48
C15 UIS C . 17.62 -11.00 8.49
C01 UIS C . 13.26 -11.29 9.22
C02 UIS C . 14.33 -12.06 9.97
C04 UIS C . 15.92 -13.31 8.52
C05 UIS C . 15.56 -13.20 7.05
C06 UIS C . 16.45 -10.98 9.25
C07 UIS C . 16.12 -9.83 9.96
C08 UIS C . 16.97 -8.74 9.93
C09 UIS C . 18.14 -8.76 9.20
C12 UIS C . 20.41 -8.96 7.22
C14 UIS C . 21.61 -9.40 6.43
N03 UIS C . 15.60 -12.08 9.25
N11 UIS C . 19.66 -9.97 7.71
O13 UIS C . 20.14 -7.78 7.40
H1 UIS C . 17.68 -11.62 7.74
H2 UIS C . 13.19 -10.36 9.51
H3 UIS C . 13.44 -11.26 8.26
H4 UIS C . 12.38 -11.69 9.33
H5 UIS C . 14.46 -11.66 10.86
H6 UIS C . 14.03 -12.97 10.15
H7 UIS C . 15.46 -14.07 8.92
H8 UIS C . 16.88 -13.52 8.61
H9 UIS C . 15.35 -14.08 6.68
H10 UIS C . 14.79 -12.63 6.92
H11 UIS C . 16.31 -12.83 6.53
H12 UIS C . 15.31 -9.76 10.49
H13 UIS C . 16.73 -7.92 10.44
H14 UIS C . 18.71 -7.96 9.20
H15 UIS C . 22.21 -9.91 6.99
H16 UIS C . 21.32 -9.95 5.67
H17 UIS C . 22.08 -8.60 6.09
H18 UIS C . 19.94 -10.79 7.53
C1 EDO D . -3.94 -2.09 16.32
O1 EDO D . -2.95 -1.90 15.33
C2 EDO D . -5.06 -1.10 16.12
O2 EDO D . -4.50 0.20 15.97
H11 EDO D . -3.58 -2.00 17.21
H12 EDO D . -4.31 -3.00 16.26
HO1 EDO D . -2.35 -2.50 15.43
H21 EDO D . -5.65 -1.16 16.89
H22 EDO D . -5.57 -1.37 15.35
HO2 EDO D . -5.14 0.75 15.91
MN MN E . 3.22 -6.07 -8.46
S DMS F . 3.37 8.01 -11.57
O DMS F . 4.48 7.35 -12.35
C1 DMS F . 2.36 6.64 -10.95
C2 DMS F . 2.13 8.57 -12.77
H11 DMS F . 2.78 6.26 -10.17
H12 DMS F . 2.29 5.95 -11.64
H13 DMS F . 1.47 6.96 -10.73
H21 DMS F . 2.54 9.18 -13.40
H22 DMS F . 1.41 9.02 -12.31
H23 DMS F . 1.78 7.80 -13.25
MN MN G . -3.25 5.85 8.91
#